data_1H7J
#
_entry.id   1H7J
#
_cell.length_a   1.000
_cell.length_b   1.000
_cell.length_c   1.000
_cell.angle_alpha   90.00
_cell.angle_beta   90.00
_cell.angle_gamma   90.00
#
_symmetry.space_group_name_H-M   'P 1'
#
_entity_poly.entity_id   1
_entity_poly.type   'polypeptide(L)'
_entity_poly.pdbx_seq_one_letter_code
;MVAAAMLLRSCPVLSQGPTGLLGKVA
;
_entity_poly.pdbx_strand_id   A
#
# COMPACT_ATOMS: atom_id res chain seq x y z
N MET A 1 -4.91 -9.98 -12.47
CA MET A 1 -6.07 -10.38 -11.71
C MET A 1 -5.68 -11.28 -10.55
N VAL A 2 -4.59 -10.91 -9.90
CA VAL A 2 -4.08 -11.67 -8.76
C VAL A 2 -3.07 -10.83 -7.99
N ALA A 3 -2.22 -11.51 -7.25
CA ALA A 3 -1.20 -10.84 -6.46
C ALA A 3 -1.81 -9.61 -5.78
N ALA A 4 -2.77 -9.87 -4.92
CA ALA A 4 -3.44 -8.80 -4.20
C ALA A 4 -2.67 -8.49 -2.92
N ALA A 5 -2.46 -9.53 -2.11
CA ALA A 5 -1.75 -9.39 -0.86
C ALA A 5 -0.25 -9.33 -1.14
N MET A 6 0.22 -10.32 -1.91
CA MET A 6 1.62 -10.40 -2.26
C MET A 6 2.18 -9.02 -2.62
N LEU A 7 1.38 -8.27 -3.36
CA LEU A 7 1.78 -6.94 -3.77
C LEU A 7 1.61 -5.96 -2.60
N LEU A 8 0.52 -6.16 -1.85
CA LEU A 8 0.24 -5.31 -0.72
C LEU A 8 0.84 -5.95 0.54
N ARG A 9 2.11 -6.33 0.42
CA ARG A 9 2.82 -6.95 1.53
C ARG A 9 2.83 -6.01 2.74
N SER A 10 3.89 -5.22 2.82
CA SER A 10 4.04 -4.27 3.91
C SER A 10 4.39 -2.88 3.35
N CYS A 11 3.49 -2.37 2.51
CA CYS A 11 3.68 -1.06 1.92
C CYS A 11 3.42 0.00 2.99
N PRO A 12 2.22 -0.10 3.62
CA PRO A 12 1.84 0.84 4.66
C PRO A 12 2.58 0.55 5.96
N VAL A 13 3.74 1.17 6.08
CA VAL A 13 4.57 0.98 7.28
C VAL A 13 4.57 2.27 8.09
N LEU A 14 4.41 3.39 7.39
CA LEU A 14 4.39 4.68 8.03
C LEU A 14 3.29 4.70 9.10
N SER A 15 2.07 4.48 8.65
CA SER A 15 0.93 4.47 9.55
C SER A 15 1.30 3.76 10.84
N GLN A 16 0.94 4.40 11.95
CA GLN A 16 1.23 3.84 13.27
C GLN A 16 2.73 3.87 13.54
N GLY A 17 3.27 5.08 13.62
CA GLY A 17 4.69 5.26 13.87
C GLY A 17 5.03 6.74 14.02
N PRO A 18 4.87 7.25 15.28
CA PRO A 18 5.16 8.63 15.57
C PRO A 18 6.67 8.88 15.62
N THR A 19 7.36 8.00 16.33
CA THR A 19 8.81 8.10 16.47
C THR A 19 9.17 9.14 17.54
N GLY A 20 8.69 10.36 17.32
CA GLY A 20 8.94 11.44 18.25
C GLY A 20 10.37 11.37 18.78
N LEU A 21 11.32 11.45 17.85
CA LEU A 21 12.73 11.40 18.21
C LEU A 21 13.49 12.44 17.39
N LEU A 22 12.94 13.64 17.37
CA LEU A 22 13.56 14.74 16.64
C LEU A 22 14.13 15.76 17.62
N GLY A 23 13.58 15.74 18.82
CA GLY A 23 14.02 16.66 19.86
C GLY A 23 15.21 16.08 20.64
N LYS A 24 15.32 14.75 20.58
CA LYS A 24 16.40 14.07 21.27
C LYS A 24 16.84 12.86 20.45
N VAL A 25 17.37 13.15 19.26
CA VAL A 25 17.83 12.10 18.37
C VAL A 25 19.10 11.48 18.93
N ALA A 26 19.60 12.10 20.00
CA ALA A 26 20.82 11.62 20.64
C ALA A 26 20.59 10.20 21.17
N MET A 1 -7.37 -15.79 -10.48
CA MET A 1 -6.86 -15.88 -9.12
C MET A 1 -6.86 -14.51 -8.44
N VAL A 2 -6.43 -14.50 -7.19
CA VAL A 2 -6.37 -13.28 -6.41
C VAL A 2 -4.92 -12.80 -6.33
N ALA A 3 -4.64 -11.72 -7.03
CA ALA A 3 -3.30 -11.14 -7.03
C ALA A 3 -3.32 -9.81 -6.29
N ALA A 4 -3.71 -9.88 -5.03
CA ALA A 4 -3.77 -8.68 -4.20
C ALA A 4 -3.45 -9.06 -2.75
N ALA A 5 -2.23 -9.53 -2.54
CA ALA A 5 -1.80 -9.92 -1.21
C ALA A 5 -0.27 -9.93 -1.16
N MET A 6 0.33 -10.51 -2.20
CA MET A 6 1.77 -10.59 -2.28
C MET A 6 2.34 -9.34 -2.97
N LEU A 7 1.77 -8.20 -2.63
CA LEU A 7 2.22 -6.94 -3.20
C LEU A 7 1.88 -5.80 -2.24
N LEU A 8 0.65 -5.81 -1.76
CA LEU A 8 0.19 -4.79 -0.84
C LEU A 8 1.12 -4.75 0.37
N ARG A 9 1.19 -5.88 1.05
CA ARG A 9 2.04 -5.99 2.23
C ARG A 9 3.41 -5.36 1.96
N SER A 10 3.79 -5.37 0.69
CA SER A 10 5.07 -4.81 0.29
C SER A 10 5.05 -3.29 0.47
N CYS A 11 4.08 -2.67 -0.18
CA CYS A 11 3.94 -1.22 -0.10
C CYS A 11 2.56 -0.84 -0.61
N PRO A 12 2.02 0.28 -0.05
CA PRO A 12 0.70 0.76 -0.44
C PRO A 12 0.75 1.42 -1.82
N VAL A 13 1.11 2.70 -1.82
CA VAL A 13 1.20 3.45 -3.05
C VAL A 13 2.66 3.74 -3.37
N LEU A 14 3.45 3.87 -2.31
CA LEU A 14 4.87 4.15 -2.47
C LEU A 14 5.52 4.21 -1.08
N SER A 15 6.11 3.09 -0.70
CA SER A 15 6.79 3.01 0.60
C SER A 15 8.23 3.50 0.48
N GLN A 16 8.48 4.65 1.08
CA GLN A 16 9.81 5.23 1.04
C GLN A 16 10.72 4.52 2.04
N GLY A 17 11.25 3.39 1.62
CA GLY A 17 12.14 2.61 2.46
C GLY A 17 13.51 2.45 1.81
N PRO A 18 14.38 3.47 2.05
CA PRO A 18 15.73 3.46 1.50
C PRO A 18 16.62 2.47 2.26
N THR A 19 16.46 2.48 3.58
CA THR A 19 17.24 1.59 4.42
C THR A 19 18.74 1.83 4.20
N GLY A 20 19.10 3.10 4.06
CA GLY A 20 20.49 3.46 3.85
C GLY A 20 21.10 4.06 5.11
N LEU A 21 21.11 3.25 6.17
CA LEU A 21 21.67 3.69 7.44
C LEU A 21 22.97 2.93 7.70
N LEU A 22 22.86 1.61 7.76
CA LEU A 22 24.02 0.77 8.00
C LEU A 22 25.21 1.31 7.22
N GLY A 23 26.26 1.67 7.95
CA GLY A 23 27.46 2.19 7.35
C GLY A 23 27.68 3.66 7.74
N LYS A 24 26.61 4.44 7.57
CA LYS A 24 26.66 5.86 7.91
C LYS A 24 25.68 6.15 9.03
N VAL A 25 25.81 5.38 10.11
CA VAL A 25 24.93 5.55 11.25
C VAL A 25 25.64 6.40 12.31
N ALA A 26 26.91 6.68 12.04
CA ALA A 26 27.71 7.48 12.95
C ALA A 26 27.04 8.84 13.15
N MET A 1 -2.84 -17.45 -5.29
CA MET A 1 -3.12 -16.90 -6.61
C MET A 1 -3.90 -15.59 -6.50
N VAL A 2 -3.55 -14.81 -5.50
CA VAL A 2 -4.20 -13.53 -5.28
C VAL A 2 -3.20 -12.39 -5.53
N ALA A 3 -3.45 -11.66 -6.60
CA ALA A 3 -2.59 -10.55 -6.96
C ALA A 3 -3.00 -9.31 -6.17
N ALA A 4 -2.98 -9.46 -4.85
CA ALA A 4 -3.34 -8.37 -3.97
C ALA A 4 -2.47 -8.42 -2.71
N ALA A 5 -2.39 -9.61 -2.13
CA ALA A 5 -1.59 -9.82 -0.93
C ALA A 5 -0.11 -9.79 -1.29
N MET A 6 0.26 -10.66 -2.21
CA MET A 6 1.65 -10.74 -2.65
C MET A 6 2.28 -9.36 -2.74
N LEU A 7 1.46 -8.40 -3.16
CA LEU A 7 1.93 -7.03 -3.30
C LEU A 7 1.57 -6.25 -2.03
N LEU A 8 0.29 -6.17 -1.76
CA LEU A 8 -0.19 -5.45 -0.58
C LEU A 8 0.66 -4.20 -0.36
N ARG A 9 0.56 -3.30 -1.32
CA ARG A 9 1.32 -2.05 -1.25
C ARG A 9 0.37 -0.86 -1.07
N SER A 10 -0.85 -1.03 -1.58
CA SER A 10 -1.85 0.02 -1.47
C SER A 10 -3.17 -0.47 -2.07
N CYS A 11 -3.69 -1.55 -1.49
CA CYS A 11 -4.94 -2.12 -1.97
C CYS A 11 -4.91 -2.17 -3.49
N PRO A 12 -3.98 -3.00 -4.03
CA PRO A 12 -3.84 -3.14 -5.46
C PRO A 12 -4.97 -3.98 -6.05
N VAL A 13 -6.19 -3.51 -5.82
CA VAL A 13 -7.37 -4.20 -6.31
C VAL A 13 -8.22 -3.24 -7.14
N LEU A 14 -9.20 -2.64 -6.48
CA LEU A 14 -10.09 -1.70 -7.14
C LEU A 14 -10.56 -2.28 -8.47
N SER A 15 -11.11 -3.49 -8.39
CA SER A 15 -11.59 -4.17 -9.57
C SER A 15 -12.41 -5.40 -9.17
N GLN A 16 -13.24 -5.86 -10.10
CA GLN A 16 -14.07 -7.03 -9.85
C GLN A 16 -13.73 -8.14 -10.84
N GLY A 17 -12.51 -8.64 -10.73
CA GLY A 17 -12.05 -9.71 -11.60
C GLY A 17 -11.10 -10.65 -10.86
N PRO A 18 -11.69 -11.77 -10.35
CA PRO A 18 -10.91 -12.76 -9.62
C PRO A 18 -10.07 -13.60 -10.58
N THR A 19 -10.76 -14.43 -11.34
CA THR A 19 -10.09 -15.30 -12.30
C THR A 19 -11.05 -16.36 -12.83
N GLY A 20 -11.98 -16.75 -11.97
CA GLY A 20 -12.97 -17.75 -12.33
C GLY A 20 -13.43 -17.57 -13.77
N LEU A 21 -13.54 -16.31 -14.17
CA LEU A 21 -13.97 -15.99 -15.52
C LEU A 21 -13.13 -16.78 -16.52
N LEU A 22 -11.82 -16.55 -16.46
CA LEU A 22 -10.90 -17.24 -17.35
C LEU A 22 -11.24 -18.73 -17.38
N GLY A 23 -11.85 -19.19 -16.30
CA GLY A 23 -12.22 -20.59 -16.18
C GLY A 23 -13.21 -20.97 -17.28
N LYS A 24 -14.12 -20.06 -17.56
CA LYS A 24 -15.13 -20.29 -18.59
C LYS A 24 -15.64 -18.94 -19.12
N VAL A 25 -14.83 -18.35 -19.98
CA VAL A 25 -15.18 -17.06 -20.56
C VAL A 25 -16.33 -17.26 -21.57
N ALA A 26 -16.65 -18.51 -21.80
CA ALA A 26 -17.72 -18.85 -22.72
C ALA A 26 -19.04 -18.28 -22.20
N MET A 1 -6.24 -15.91 -11.57
CA MET A 1 -5.21 -15.75 -10.55
C MET A 1 -5.19 -14.33 -10.00
N VAL A 2 -4.72 -14.21 -8.76
CA VAL A 2 -4.65 -12.91 -8.11
C VAL A 2 -3.51 -12.93 -7.09
N ALA A 3 -2.83 -11.80 -6.98
CA ALA A 3 -1.73 -11.66 -6.05
C ALA A 3 -1.77 -10.28 -5.40
N ALA A 4 -2.92 -9.97 -4.83
CA ALA A 4 -3.11 -8.67 -4.18
C ALA A 4 -2.16 -8.58 -2.97
N ALA A 5 -2.50 -9.33 -1.94
CA ALA A 5 -1.69 -9.33 -0.73
C ALA A 5 -0.22 -9.41 -1.10
N MET A 6 0.07 -10.29 -2.04
CA MET A 6 1.44 -10.48 -2.50
C MET A 6 2.13 -9.13 -2.73
N LEU A 7 1.42 -8.25 -3.40
CA LEU A 7 1.95 -6.93 -3.70
C LEU A 7 1.20 -5.89 -2.85
N LEU A 8 0.81 -6.31 -1.66
CA LEU A 8 0.10 -5.43 -0.75
C LEU A 8 0.54 -5.72 0.69
N ARG A 9 1.84 -5.76 0.87
CA ARG A 9 2.40 -6.03 2.19
C ARG A 9 2.59 -4.73 2.97
N SER A 10 1.99 -4.69 4.15
CA SER A 10 2.08 -3.51 5.00
C SER A 10 1.87 -2.25 4.15
N CYS A 11 1.13 -2.40 3.08
CA CYS A 11 0.85 -1.30 2.19
C CYS A 11 2.17 -0.56 1.90
N PRO A 12 2.87 -1.04 0.85
CA PRO A 12 4.14 -0.44 0.46
C PRO A 12 3.93 0.91 -0.24
N VAL A 13 3.43 1.86 0.54
CA VAL A 13 3.17 3.19 0.02
C VAL A 13 4.46 3.75 -0.59
N LEU A 14 5.58 3.33 -0.02
CA LEU A 14 6.87 3.78 -0.49
C LEU A 14 7.98 3.00 0.25
N SER A 15 8.01 3.17 1.55
CA SER A 15 8.99 2.50 2.38
C SER A 15 8.55 1.06 2.66
N GLN A 16 9.30 0.12 2.10
CA GLN A 16 9.00 -1.28 2.27
C GLN A 16 9.58 -1.79 3.60
N GLY A 17 8.92 -2.79 4.16
CA GLY A 17 9.36 -3.37 5.42
C GLY A 17 9.71 -2.27 6.43
N PRO A 18 10.64 -2.63 7.36
CA PRO A 18 11.08 -1.69 8.38
C PRO A 18 12.00 -0.63 7.79
N THR A 19 13.20 -1.07 7.45
CA THR A 19 14.20 -0.17 6.88
C THR A 19 15.57 -0.84 6.85
N GLY A 20 15.86 -1.57 7.91
CA GLY A 20 17.13 -2.27 8.01
C GLY A 20 18.27 -1.41 7.44
N LEU A 21 18.32 -0.17 7.90
CA LEU A 21 19.34 0.75 7.44
C LEU A 21 19.90 1.53 8.63
N LEU A 22 18.99 2.16 9.37
CA LEU A 22 19.37 2.93 10.53
C LEU A 22 20.03 2.01 11.56
N GLY A 23 19.66 0.74 11.49
CA GLY A 23 20.21 -0.25 12.41
C GLY A 23 21.73 -0.32 12.30
N LYS A 24 22.22 0.06 11.12
CA LYS A 24 23.65 0.05 10.87
C LYS A 24 23.95 0.84 9.60
N VAL A 25 24.05 2.15 9.76
CA VAL A 25 24.33 3.02 8.64
C VAL A 25 25.84 3.02 8.35
N ALA A 26 26.57 2.38 9.24
CA ALA A 26 28.01 2.29 9.11
C ALA A 26 28.35 1.56 7.81
N MET A 1 -6.39 -14.88 -1.76
CA MET A 1 -6.75 -15.81 -2.82
C MET A 1 -6.86 -15.09 -4.17
N VAL A 2 -5.90 -14.23 -4.42
CA VAL A 2 -5.87 -13.48 -5.67
C VAL A 2 -4.50 -12.82 -5.83
N ALA A 3 -4.48 -11.77 -6.64
CA ALA A 3 -3.24 -11.04 -6.89
C ALA A 3 -3.28 -9.71 -6.15
N ALA A 4 -3.66 -9.78 -4.88
CA ALA A 4 -3.75 -8.58 -4.05
C ALA A 4 -3.39 -8.94 -2.61
N ALA A 5 -2.18 -9.46 -2.45
CA ALA A 5 -1.70 -9.85 -1.13
C ALA A 5 -0.18 -9.86 -1.12
N MET A 6 0.38 -10.49 -2.15
CA MET A 6 1.82 -10.58 -2.28
C MET A 6 2.39 -9.36 -3.03
N LEU A 7 1.81 -8.21 -2.74
CA LEU A 7 2.24 -6.98 -3.38
C LEU A 7 1.98 -5.81 -2.43
N LEU A 8 0.78 -5.79 -1.87
CA LEU A 8 0.39 -4.73 -0.96
C LEU A 8 0.09 -5.34 0.42
N ARG A 9 1.10 -5.98 0.98
CA ARG A 9 0.96 -6.61 2.28
C ARG A 9 0.76 -5.54 3.36
N SER A 10 1.15 -4.31 3.02
CA SER A 10 1.02 -3.21 3.95
C SER A 10 0.53 -1.96 3.21
N CYS A 11 -0.28 -2.20 2.19
CA CYS A 11 -0.82 -1.11 1.40
C CYS A 11 0.29 -0.05 1.22
N PRO A 12 1.36 -0.47 0.49
CA PRO A 12 2.48 0.42 0.24
C PRO A 12 2.12 1.46 -0.83
N VAL A 13 1.13 2.27 -0.50
CA VAL A 13 0.68 3.31 -1.42
C VAL A 13 -0.06 4.39 -0.62
N LEU A 14 -0.93 3.94 0.26
CA LEU A 14 -1.72 4.84 1.08
C LEU A 14 -2.86 5.43 0.24
N SER A 15 -2.49 6.04 -0.88
CA SER A 15 -3.47 6.63 -1.77
C SER A 15 -2.77 7.34 -2.92
N GLN A 16 -1.95 8.32 -2.56
CA GLN A 16 -1.21 9.08 -3.56
C GLN A 16 0.29 9.03 -3.26
N GLY A 17 1.08 9.36 -4.27
CA GLY A 17 2.53 9.36 -4.13
C GLY A 17 3.19 10.04 -5.33
N PRO A 18 2.95 11.37 -5.45
CA PRO A 18 3.52 12.15 -6.53
C PRO A 18 5.02 12.41 -6.30
N THR A 19 5.48 11.97 -5.14
CA THR A 19 6.88 12.13 -4.79
C THR A 19 7.37 13.52 -5.21
N GLY A 20 6.51 14.52 -4.97
CA GLY A 20 6.84 15.89 -5.32
C GLY A 20 7.31 16.66 -4.09
N LEU A 21 8.37 16.16 -3.48
CA LEU A 21 8.93 16.79 -2.30
C LEU A 21 10.00 17.80 -2.72
N LEU A 22 9.63 18.64 -3.67
CA LEU A 22 10.55 19.65 -4.17
C LEU A 22 10.16 21.02 -3.61
N GLY A 23 8.92 21.10 -3.15
CA GLY A 23 8.40 22.34 -2.60
C GLY A 23 8.78 22.46 -1.12
N LYS A 24 9.01 21.31 -0.50
CA LYS A 24 9.36 21.28 0.91
C LYS A 24 10.39 20.17 1.15
N VAL A 25 11.57 20.37 0.59
CA VAL A 25 12.64 19.40 0.73
C VAL A 25 13.18 19.43 2.16
N ALA A 26 12.68 20.40 2.92
CA ALA A 26 13.09 20.55 4.31
C ALA A 26 12.74 19.28 5.08
N MET A 1 -5.49 -10.87 -12.99
CA MET A 1 -4.64 -11.75 -12.22
C MET A 1 -4.86 -11.55 -10.72
N VAL A 2 -4.07 -12.28 -9.94
CA VAL A 2 -4.18 -12.20 -8.49
C VAL A 2 -2.84 -11.72 -7.92
N ALA A 3 -2.87 -10.54 -7.34
CA ALA A 3 -1.67 -9.96 -6.75
C ALA A 3 -2.07 -8.85 -5.78
N ALA A 4 -2.87 -9.23 -4.79
CA ALA A 4 -3.33 -8.28 -3.79
C ALA A 4 -2.45 -8.40 -2.54
N ALA A 5 -2.34 -9.63 -2.05
CA ALA A 5 -1.54 -9.89 -0.87
C ALA A 5 -0.06 -9.92 -1.25
N MET A 6 0.21 -10.66 -2.32
CA MET A 6 1.57 -10.79 -2.80
C MET A 6 2.30 -9.44 -2.77
N LEU A 7 1.56 -8.40 -3.13
CA LEU A 7 2.13 -7.06 -3.15
C LEU A 7 1.59 -6.27 -1.95
N LEU A 8 0.26 -6.17 -1.90
CA LEU A 8 -0.38 -5.45 -0.81
C LEU A 8 0.38 -4.16 -0.53
N ARG A 9 0.32 -3.25 -1.50
CA ARG A 9 1.01 -1.97 -1.37
C ARG A 9 -0.01 -0.84 -1.25
N SER A 10 -1.19 -1.08 -1.81
CA SER A 10 -2.26 -0.08 -1.78
C SER A 10 -2.68 0.18 -0.33
N CYS A 11 -3.05 -0.89 0.35
CA CYS A 11 -3.47 -0.78 1.74
C CYS A 11 -2.26 -0.42 2.58
N PRO A 12 -2.52 0.30 3.70
CA PRO A 12 -1.46 0.72 4.60
C PRO A 12 -0.97 -0.46 5.45
N VAL A 13 -1.81 -0.87 6.40
CA VAL A 13 -1.47 -1.97 7.27
C VAL A 13 -2.38 -3.17 6.95
N LEU A 14 -3.59 -2.84 6.51
CA LEU A 14 -4.56 -3.87 6.17
C LEU A 14 -5.80 -3.22 5.56
N SER A 15 -6.51 -2.49 6.40
CA SER A 15 -7.72 -1.81 5.96
C SER A 15 -8.25 -0.91 7.08
N GLN A 16 -8.51 -1.54 8.22
CA GLN A 16 -9.03 -0.81 9.37
C GLN A 16 -8.14 0.40 9.67
N GLY A 17 -8.73 1.38 10.34
CA GLY A 17 -8.01 2.59 10.69
C GLY A 17 -7.36 2.45 12.07
N PRO A 18 -6.41 3.38 12.36
CA PRO A 18 -5.72 3.37 13.63
C PRO A 18 -6.62 3.91 14.75
N THR A 19 -7.26 5.03 14.46
CA THR A 19 -8.15 5.66 15.42
C THR A 19 -7.57 5.54 16.84
N GLY A 20 -6.58 6.38 17.11
CA GLY A 20 -5.94 6.39 18.41
C GLY A 20 -6.29 7.66 19.20
N LEU A 21 -7.58 7.88 19.33
CA LEU A 21 -8.06 9.05 20.06
C LEU A 21 -9.06 8.61 21.13
N LEU A 22 -8.82 7.43 21.67
CA LEU A 22 -9.68 6.89 22.70
C LEU A 22 -8.94 6.88 24.04
N GLY A 23 -7.62 6.92 23.94
CA GLY A 23 -6.78 6.92 25.14
C GLY A 23 -6.75 8.31 25.79
N LYS A 24 -6.62 9.32 24.94
CA LYS A 24 -6.58 10.70 25.42
C LYS A 24 -8.01 11.18 25.68
N VAL A 25 -8.96 10.45 25.13
CA VAL A 25 -10.37 10.78 25.30
C VAL A 25 -11.01 9.81 26.29
N ALA A 26 -11.84 8.93 25.75
CA ALA A 26 -12.52 7.94 26.57
C ALA A 26 -11.50 7.23 27.46
N MET A 1 1.57 -7.87 -11.48
CA MET A 1 2.46 -7.65 -10.35
C MET A 1 1.67 -7.31 -9.08
N VAL A 2 0.36 -7.47 -9.18
CA VAL A 2 -0.52 -7.19 -8.05
C VAL A 2 -1.34 -8.43 -7.72
N ALA A 3 -1.13 -8.94 -6.51
CA ALA A 3 -1.84 -10.12 -6.06
C ALA A 3 -2.68 -9.76 -4.84
N ALA A 4 -2.83 -8.47 -4.62
CA ALA A 4 -3.59 -7.97 -3.48
C ALA A 4 -3.31 -8.85 -2.26
N ALA A 5 -2.09 -9.39 -2.23
CA ALA A 5 -1.68 -10.24 -1.13
C ALA A 5 -0.15 -10.30 -1.08
N MET A 6 0.43 -10.55 -2.25
CA MET A 6 1.88 -10.64 -2.36
C MET A 6 2.51 -9.25 -2.44
N LEU A 7 1.85 -8.37 -3.19
CA LEU A 7 2.33 -7.01 -3.35
C LEU A 7 1.69 -6.12 -2.29
N LEU A 8 0.51 -6.52 -1.86
CA LEU A 8 -0.23 -5.76 -0.86
C LEU A 8 -0.30 -4.29 -1.28
N ARG A 9 -1.26 -4.01 -2.15
CA ARG A 9 -1.45 -2.66 -2.64
C ARG A 9 -1.96 -1.75 -1.53
N SER A 10 -2.70 -2.35 -0.61
CA SER A 10 -3.25 -1.62 0.52
C SER A 10 -4.27 -2.48 1.26
N CYS A 11 -3.91 -3.74 1.43
CA CYS A 11 -4.78 -4.68 2.12
C CYS A 11 -6.21 -4.46 1.64
N PRO A 12 -6.50 -4.96 0.41
CA PRO A 12 -7.82 -4.82 -0.16
C PRO A 12 -8.82 -5.78 0.50
N VAL A 13 -9.37 -5.31 1.61
CA VAL A 13 -10.34 -6.11 2.35
C VAL A 13 -11.74 -5.53 2.14
N LEU A 14 -11.77 -4.25 1.83
CA LEU A 14 -13.03 -3.57 1.61
C LEU A 14 -13.95 -3.80 2.80
N SER A 15 -13.92 -2.86 3.73
CA SER A 15 -14.75 -2.95 4.92
C SER A 15 -15.21 -1.55 5.35
N GLN A 16 -16.15 -1.01 4.59
CA GLN A 16 -16.68 0.31 4.89
C GLN A 16 -17.18 0.36 6.33
N GLY A 17 -18.21 -0.43 6.61
CA GLY A 17 -18.79 -0.48 7.94
C GLY A 17 -19.52 -1.79 8.18
N PRO A 18 -20.28 -1.83 9.31
CA PRO A 18 -21.03 -3.02 9.66
C PRO A 18 -22.29 -3.15 8.78
N THR A 19 -22.92 -2.01 8.54
CA THR A 19 -24.13 -1.98 7.73
C THR A 19 -25.34 -2.40 8.55
N GLY A 20 -25.21 -3.56 9.19
CA GLY A 20 -26.28 -4.09 10.01
C GLY A 20 -26.95 -2.98 10.82
N LEU A 21 -26.14 -2.30 11.61
CA LEU A 21 -26.63 -1.21 12.44
C LEU A 21 -27.97 -1.62 13.04
N LEU A 22 -27.93 -2.60 13.92
CA LEU A 22 -29.13 -3.09 14.58
C LEU A 22 -29.11 -2.67 16.05
N GLY A 23 -27.90 -2.49 16.56
CA GLY A 23 -27.72 -2.09 17.95
C GLY A 23 -28.37 -0.73 18.22
N LYS A 24 -28.35 0.11 17.19
CA LYS A 24 -28.93 1.44 17.30
C LYS A 24 -30.34 1.44 16.70
N VAL A 25 -30.60 0.39 15.92
CA VAL A 25 -31.90 0.25 15.27
C VAL A 25 -32.68 -0.89 15.95
N ALA A 26 -32.80 -1.99 15.22
CA ALA A 26 -33.51 -3.14 15.73
C ALA A 26 -35.01 -2.88 15.66
N MET A 1 -9.80 -12.84 -5.40
CA MET A 1 -9.09 -13.95 -6.00
C MET A 1 -8.12 -13.46 -7.07
N VAL A 2 -6.95 -13.03 -6.60
CA VAL A 2 -5.92 -12.53 -7.49
C VAL A 2 -4.61 -12.35 -6.72
N ALA A 3 -3.75 -11.49 -7.26
CA ALA A 3 -2.48 -11.21 -6.63
C ALA A 3 -2.58 -9.93 -5.82
N ALA A 4 -3.59 -9.88 -4.96
CA ALA A 4 -3.81 -8.71 -4.12
C ALA A 4 -3.46 -9.06 -2.67
N ALA A 5 -2.22 -9.44 -2.47
CA ALA A 5 -1.75 -9.80 -1.13
C ALA A 5 -0.22 -9.85 -1.12
N MET A 6 0.33 -10.45 -2.17
CA MET A 6 1.77 -10.56 -2.30
C MET A 6 2.36 -9.34 -3.02
N LEU A 7 1.78 -8.19 -2.74
CA LEU A 7 2.23 -6.95 -3.35
C LEU A 7 2.00 -5.79 -2.38
N LEU A 8 0.79 -5.75 -1.84
CA LEU A 8 0.43 -4.70 -0.91
C LEU A 8 0.39 -5.28 0.51
N ARG A 9 1.45 -5.98 0.87
CA ARG A 9 1.55 -6.60 2.17
C ARG A 9 1.81 -5.52 3.24
N SER A 10 2.38 -4.41 2.79
CA SER A 10 2.70 -3.32 3.69
C SER A 10 2.39 -1.99 3.00
N CYS A 11 1.15 -1.85 2.55
CA CYS A 11 0.72 -0.63 1.89
C CYS A 11 0.66 0.48 2.93
N PRO A 12 -0.10 0.22 4.02
CA PRO A 12 -0.26 1.19 5.09
C PRO A 12 1.00 1.26 5.95
N VAL A 13 1.75 2.34 5.75
CA VAL A 13 2.97 2.55 6.50
C VAL A 13 2.74 3.59 7.59
N LEU A 14 1.83 4.51 7.30
CA LEU A 14 1.50 5.56 8.24
C LEU A 14 2.76 6.34 8.60
N SER A 15 3.04 7.37 7.82
CA SER A 15 4.21 8.19 8.05
C SER A 15 3.81 9.67 8.04
N GLN A 16 4.18 10.35 9.13
CA GLN A 16 3.87 11.76 9.26
C GLN A 16 4.18 12.50 7.95
N GLY A 17 5.45 12.47 7.58
CA GLY A 17 5.88 13.12 6.36
C GLY A 17 6.62 12.15 5.44
N PRO A 18 5.85 11.56 4.48
CA PRO A 18 6.42 10.61 3.55
C PRO A 18 7.25 11.32 2.48
N THR A 19 6.61 12.28 1.84
CA THR A 19 7.28 13.05 0.79
C THR A 19 7.29 12.26 -0.52
N GLY A 20 7.79 11.04 -0.44
CA GLY A 20 7.86 10.18 -1.61
C GLY A 20 8.33 10.96 -2.83
N LEU A 21 9.25 11.88 -2.59
CA LEU A 21 9.80 12.69 -3.66
C LEU A 21 11.32 12.63 -3.63
N LEU A 22 11.84 11.46 -3.97
CA LEU A 22 13.28 11.24 -3.98
C LEU A 22 13.72 10.81 -5.39
N GLY A 23 13.85 9.50 -5.55
CA GLY A 23 14.26 8.95 -6.83
C GLY A 23 13.41 9.52 -7.97
N LYS A 24 12.24 10.01 -7.60
CA LYS A 24 11.32 10.58 -8.58
C LYS A 24 11.68 12.05 -8.81
N VAL A 25 12.17 12.67 -7.74
CA VAL A 25 12.54 14.07 -7.81
C VAL A 25 14.07 14.18 -7.84
N ALA A 26 14.62 14.64 -6.72
CA ALA A 26 16.06 14.79 -6.60
C ALA A 26 16.53 15.89 -7.55
N MET A 1 -8.94 -13.56 -1.77
CA MET A 1 -8.14 -12.42 -2.22
C MET A 1 -7.51 -12.69 -3.58
N VAL A 2 -7.25 -11.61 -4.29
CA VAL A 2 -6.65 -11.72 -5.62
C VAL A 2 -5.13 -11.55 -5.50
N ALA A 3 -4.52 -11.15 -6.61
CA ALA A 3 -3.09 -10.94 -6.64
C ALA A 3 -2.75 -9.59 -6.00
N ALA A 4 -3.17 -9.45 -4.74
CA ALA A 4 -2.93 -8.23 -4.01
C ALA A 4 -2.01 -8.52 -2.82
N ALA A 5 -2.41 -9.50 -2.03
CA ALA A 5 -1.64 -9.89 -0.86
C ALA A 5 -0.15 -9.91 -1.23
N MET A 6 0.17 -10.66 -2.26
CA MET A 6 1.55 -10.77 -2.72
C MET A 6 2.22 -9.40 -2.74
N LEU A 7 1.47 -8.40 -3.19
CA LEU A 7 1.99 -7.05 -3.26
C LEU A 7 0.97 -6.09 -2.65
N LEU A 8 0.73 -6.26 -1.37
CA LEU A 8 -0.22 -5.43 -0.66
C LEU A 8 0.50 -4.17 -0.14
N ARG A 9 1.29 -3.58 -1.01
CA ARG A 9 2.03 -2.38 -0.65
C ARG A 9 1.48 -1.17 -1.40
N SER A 10 0.89 -1.44 -2.56
CA SER A 10 0.32 -0.38 -3.38
C SER A 10 -1.06 -0.01 -2.85
N CYS A 11 -1.94 -1.00 -2.81
CA CYS A 11 -3.30 -0.78 -2.33
C CYS A 11 -3.99 0.20 -3.27
N PRO A 12 -5.33 0.07 -3.36
CA PRO A 12 -6.12 0.93 -4.22
C PRO A 12 -6.27 2.33 -3.60
N VAL A 13 -5.15 3.03 -3.51
CA VAL A 13 -5.15 4.36 -2.94
C VAL A 13 -4.95 5.39 -4.06
N LEU A 14 -4.31 4.93 -5.13
CA LEU A 14 -4.06 5.80 -6.27
C LEU A 14 -5.27 5.80 -7.19
N SER A 15 -5.55 4.63 -7.75
CA SER A 15 -6.67 4.47 -8.66
C SER A 15 -6.53 5.43 -9.84
N GLN A 16 -7.22 5.10 -10.92
CA GLN A 16 -7.18 5.91 -12.12
C GLN A 16 -7.80 7.29 -11.84
N GLY A 17 -7.12 8.32 -12.34
CA GLY A 17 -7.59 9.68 -12.17
C GLY A 17 -7.78 10.38 -13.51
N PRO A 18 -8.39 11.60 -13.46
CA PRO A 18 -8.63 12.37 -14.66
C PRO A 18 -7.33 13.01 -15.16
N THR A 19 -6.53 13.48 -14.22
CA THR A 19 -5.27 14.11 -14.56
C THR A 19 -5.51 15.37 -15.37
N GLY A 20 -6.53 16.12 -14.98
CA GLY A 20 -6.87 17.35 -15.67
C GLY A 20 -5.75 18.38 -15.54
N LEU A 21 -5.14 18.40 -14.37
CA LEU A 21 -4.05 19.33 -14.09
C LEU A 21 -3.04 19.28 -15.25
N LEU A 22 -2.40 18.12 -15.37
CA LEU A 22 -1.42 17.93 -16.42
C LEU A 22 -2.03 18.30 -17.77
N GLY A 23 -3.35 18.26 -17.81
CA GLY A 23 -4.08 18.58 -19.03
C GLY A 23 -4.05 20.09 -19.30
N LYS A 24 -3.73 20.84 -18.25
CA LYS A 24 -3.66 22.29 -18.36
C LYS A 24 -2.61 22.82 -17.39
N VAL A 25 -1.35 22.60 -17.76
CA VAL A 25 -0.24 23.05 -16.94
C VAL A 25 0.37 24.31 -17.55
N ALA A 26 1.55 24.14 -18.12
CA ALA A 26 2.25 25.25 -18.75
C ALA A 26 1.26 26.06 -19.57
N MET A 1 -5.99 -16.66 -10.38
CA MET A 1 -6.07 -16.31 -8.98
C MET A 1 -5.74 -14.84 -8.75
N VAL A 2 -6.03 -14.38 -7.54
CA VAL A 2 -5.78 -12.99 -7.20
C VAL A 2 -4.66 -12.94 -6.14
N ALA A 3 -3.52 -12.41 -6.57
CA ALA A 3 -2.38 -12.30 -5.67
C ALA A 3 -2.16 -10.82 -5.32
N ALA A 4 -3.19 -10.24 -4.71
CA ALA A 4 -3.12 -8.84 -4.30
C ALA A 4 -2.17 -8.69 -3.12
N ALA A 5 -2.53 -9.36 -2.03
CA ALA A 5 -1.72 -9.30 -0.82
C ALA A 5 -0.24 -9.45 -1.20
N MET A 6 0.01 -10.31 -2.18
CA MET A 6 1.37 -10.54 -2.64
C MET A 6 2.12 -9.22 -2.81
N LEU A 7 1.41 -8.23 -3.31
CA LEU A 7 1.99 -6.91 -3.53
C LEU A 7 1.19 -5.87 -2.75
N LEU A 8 0.97 -6.15 -1.48
CA LEU A 8 0.22 -5.26 -0.63
C LEU A 8 0.72 -5.39 0.82
N ARG A 9 0.73 -6.63 1.29
CA ARG A 9 1.18 -6.90 2.64
C ARG A 9 2.40 -6.04 2.99
N SER A 10 3.17 -5.72 1.96
CA SER A 10 4.36 -4.91 2.14
C SER A 10 4.37 -3.76 1.12
N CYS A 11 3.35 -2.92 1.23
CA CYS A 11 3.24 -1.78 0.33
C CYS A 11 4.31 -0.75 0.72
N PRO A 12 4.30 -0.37 2.02
CA PRO A 12 5.25 0.60 2.52
C PRO A 12 6.63 -0.02 2.68
N VAL A 13 7.52 0.32 1.75
CA VAL A 13 8.87 -0.20 1.78
C VAL A 13 9.80 0.83 2.43
N LEU A 14 9.18 1.78 3.11
CA LEU A 14 9.93 2.82 3.79
C LEU A 14 9.49 2.91 5.26
N SER A 15 9.95 1.95 6.04
CA SER A 15 9.61 1.90 7.45
C SER A 15 10.82 2.31 8.29
N GLN A 16 10.94 3.61 8.51
CA GLN A 16 12.04 4.15 9.29
C GLN A 16 11.81 3.86 10.79
N GLY A 17 12.91 3.82 11.51
CA GLY A 17 12.85 3.55 12.94
C GLY A 17 11.67 4.28 13.58
N PRO A 18 11.29 3.79 14.80
CA PRO A 18 10.18 4.39 15.53
C PRO A 18 10.58 5.73 16.15
N THR A 19 11.84 6.09 15.92
CA THR A 19 12.36 7.34 16.44
C THR A 19 11.30 8.44 16.38
N GLY A 20 10.71 8.57 15.21
CA GLY A 20 9.68 9.58 14.99
C GLY A 20 10.01 10.87 15.74
N LEU A 21 11.13 11.47 15.35
CA LEU A 21 11.58 12.70 15.97
C LEU A 21 12.37 13.52 14.96
N LEU A 22 13.53 12.98 14.59
CA LEU A 22 14.40 13.65 13.64
C LEU A 22 13.56 14.11 12.44
N GLY A 23 12.47 13.42 12.22
CA GLY A 23 11.58 13.75 11.12
C GLY A 23 11.25 15.25 11.10
N LYS A 24 10.94 15.76 12.28
CA LYS A 24 10.61 17.17 12.41
C LYS A 24 11.85 17.94 12.86
N VAL A 25 13.00 17.46 12.41
CA VAL A 25 14.26 18.09 12.77
C VAL A 25 15.00 18.49 11.49
N ALA A 26 16.06 17.74 11.20
CA ALA A 26 16.86 18.01 10.02
C ALA A 26 17.12 19.51 9.90
N MET A 1 -8.28 -15.84 -9.17
CA MET A 1 -7.34 -15.77 -8.07
C MET A 1 -7.31 -14.37 -7.46
N VAL A 2 -6.60 -14.25 -6.34
CA VAL A 2 -6.48 -12.98 -5.65
C VAL A 2 -5.04 -12.49 -5.74
N ALA A 3 -4.87 -11.41 -6.50
CA ALA A 3 -3.55 -10.83 -6.68
C ALA A 3 -3.50 -9.46 -5.99
N ALA A 4 -3.56 -9.49 -4.67
CA ALA A 4 -3.53 -8.27 -3.89
C ALA A 4 -3.09 -8.60 -2.45
N ALA A 5 -2.14 -9.51 -2.36
CA ALA A 5 -1.63 -9.92 -1.05
C ALA A 5 -0.10 -9.94 -1.10
N MET A 6 0.43 -10.55 -2.15
CA MET A 6 1.87 -10.65 -2.32
C MET A 6 2.41 -9.43 -3.07
N LEU A 7 1.85 -8.27 -2.73
CA LEU A 7 2.28 -7.03 -3.36
C LEU A 7 1.86 -5.85 -2.48
N LEU A 8 0.62 -5.91 -2.03
CA LEU A 8 0.08 -4.86 -1.17
C LEU A 8 -0.33 -5.46 0.17
N ARG A 9 0.64 -6.08 0.83
CA ARG A 9 0.38 -6.69 2.12
C ARG A 9 0.63 -5.68 3.24
N SER A 10 1.30 -4.60 2.89
CA SER A 10 1.62 -3.56 3.85
C SER A 10 2.15 -2.33 3.14
N CYS A 11 1.27 -1.69 2.36
CA CYS A 11 1.64 -0.51 1.62
C CYS A 11 2.24 0.51 2.60
N PRO A 12 3.17 1.35 2.06
CA PRO A 12 3.83 2.35 2.88
C PRO A 12 2.88 3.52 3.16
N VAL A 13 2.17 3.94 2.11
CA VAL A 13 1.23 5.03 2.24
C VAL A 13 -0.03 4.72 1.42
N LEU A 14 -0.04 5.23 0.20
CA LEU A 14 -1.17 5.00 -0.69
C LEU A 14 -2.31 5.95 -0.29
N SER A 15 -2.71 5.84 0.97
CA SER A 15 -3.78 6.68 1.49
C SER A 15 -3.51 8.14 1.16
N GLN A 16 -4.59 8.92 1.15
CA GLN A 16 -4.47 10.34 0.86
C GLN A 16 -4.01 10.56 -0.59
N GLY A 17 -4.24 11.77 -1.07
CA GLY A 17 -3.85 12.10 -2.43
C GLY A 17 -2.43 12.70 -2.46
N PRO A 18 -2.37 14.03 -2.21
CA PRO A 18 -1.09 14.73 -2.20
C PRO A 18 -0.30 14.41 -0.93
N THR A 19 -0.99 14.49 0.19
CA THR A 19 -0.36 14.21 1.47
C THR A 19 0.70 15.28 1.79
N GLY A 20 0.36 16.51 1.46
CA GLY A 20 1.26 17.62 1.70
C GLY A 20 1.84 17.56 3.13
N LEU A 21 0.95 17.62 4.09
CA LEU A 21 1.35 17.57 5.49
C LEU A 21 2.60 18.43 5.68
N LEU A 22 2.51 19.66 5.20
CA LEU A 22 3.63 20.59 5.31
C LEU A 22 3.21 21.77 6.20
N GLY A 23 3.71 21.74 7.43
CA GLY A 23 3.39 22.80 8.39
C GLY A 23 2.67 22.23 9.60
N LYS A 24 2.08 21.06 9.41
CA LYS A 24 1.35 20.40 10.49
C LYS A 24 2.11 19.16 10.94
N VAL A 25 3.43 19.22 10.77
CA VAL A 25 4.28 18.11 11.15
C VAL A 25 4.99 18.44 12.48
N ALA A 26 6.28 18.71 12.37
CA ALA A 26 7.06 19.04 13.55
C ALA A 26 7.03 20.55 13.77
N MET A 1 -1.36 -17.20 -2.38
CA MET A 1 -1.97 -17.62 -3.63
C MET A 1 -3.11 -16.68 -4.04
N VAL A 2 -2.94 -15.42 -3.67
CA VAL A 2 -3.94 -14.40 -3.98
C VAL A 2 -3.26 -13.22 -4.66
N ALA A 3 -3.71 -12.93 -5.88
CA ALA A 3 -3.16 -11.83 -6.64
C ALA A 3 -3.74 -10.51 -6.12
N ALA A 4 -3.52 -10.29 -4.83
CA ALA A 4 -4.02 -9.08 -4.20
C ALA A 4 -3.57 -9.05 -2.74
N ALA A 5 -2.28 -9.24 -2.54
CA ALA A 5 -1.72 -9.24 -1.20
C ALA A 5 -0.19 -9.27 -1.29
N MET A 6 0.30 -10.21 -2.09
CA MET A 6 1.72 -10.37 -2.28
C MET A 6 2.41 -9.01 -2.47
N LEU A 7 1.75 -8.17 -3.26
CA LEU A 7 2.27 -6.84 -3.53
C LEU A 7 2.05 -5.94 -2.32
N LEU A 8 0.81 -5.94 -1.84
CA LEU A 8 0.45 -5.14 -0.68
C LEU A 8 0.60 -5.97 0.59
N ARG A 9 1.71 -6.71 0.64
CA ARG A 9 1.98 -7.55 1.80
C ARG A 9 2.34 -6.69 3.01
N SER A 10 2.90 -5.53 2.73
CA SER A 10 3.29 -4.62 3.79
C SER A 10 2.05 -4.13 4.55
N CYS A 11 1.12 -3.56 3.80
CA CYS A 11 -0.12 -3.06 4.39
C CYS A 11 0.26 -2.13 5.54
N PRO A 12 0.83 -0.95 5.18
CA PRO A 12 1.22 0.03 6.16
C PRO A 12 0.01 0.76 6.74
N VAL A 13 -0.77 0.02 7.52
CA VAL A 13 -1.97 0.59 8.12
C VAL A 13 -1.64 1.06 9.53
N LEU A 14 -0.62 0.44 10.11
CA LEU A 14 -0.19 0.79 11.45
C LEU A 14 -0.20 2.31 11.61
N SER A 15 0.56 2.97 10.75
CA SER A 15 0.65 4.42 10.77
C SER A 15 0.28 5.00 9.41
N GLN A 16 -0.54 6.04 9.44
CA GLN A 16 -0.96 6.69 8.21
C GLN A 16 -1.63 8.03 8.51
N GLY A 17 -0.80 8.99 8.89
CA GLY A 17 -1.29 10.32 9.23
C GLY A 17 -1.24 11.23 8.00
N PRO A 18 -1.92 12.40 8.14
CA PRO A 18 -1.97 13.38 7.05
C PRO A 18 -0.64 14.12 6.94
N THR A 19 0.28 13.76 7.82
CA THR A 19 1.59 14.39 7.83
C THR A 19 2.06 14.66 6.40
N GLY A 20 1.97 13.63 5.57
CA GLY A 20 2.38 13.73 4.18
C GLY A 20 1.84 15.02 3.56
N LEU A 21 0.52 15.18 3.64
CA LEU A 21 -0.13 16.35 3.09
C LEU A 21 0.40 16.60 1.68
N LEU A 22 0.07 15.68 0.78
CA LEU A 22 0.50 15.78 -0.60
C LEU A 22 -0.32 14.81 -1.46
N GLY A 23 -1.56 14.62 -1.06
CA GLY A 23 -2.45 13.72 -1.78
C GLY A 23 -3.92 14.07 -1.51
N LYS A 24 -4.21 14.33 -0.24
CA LYS A 24 -5.55 14.67 0.17
C LYS A 24 -5.66 16.19 0.33
N VAL A 25 -4.90 16.90 -0.48
CA VAL A 25 -4.89 18.34 -0.44
C VAL A 25 -5.71 18.89 -1.62
N ALA A 26 -4.99 19.45 -2.58
CA ALA A 26 -5.62 20.00 -3.76
C ALA A 26 -5.81 18.89 -4.81
N MET A 1 0.32 -16.47 -4.91
CA MET A 1 -0.54 -16.84 -6.02
C MET A 1 -1.80 -15.98 -6.06
N VAL A 2 -1.82 -14.99 -5.19
CA VAL A 2 -2.96 -14.08 -5.11
C VAL A 2 -2.51 -12.66 -5.49
N ALA A 3 -3.02 -12.20 -6.62
CA ALA A 3 -2.68 -10.87 -7.10
C ALA A 3 -3.48 -9.83 -6.31
N ALA A 4 -3.29 -9.87 -4.99
CA ALA A 4 -3.98 -8.94 -4.11
C ALA A 4 -3.60 -9.23 -2.66
N ALA A 5 -2.30 -9.23 -2.41
CA ALA A 5 -1.80 -9.50 -1.08
C ALA A 5 -0.26 -9.46 -1.10
N MET A 6 0.30 -10.21 -2.03
CA MET A 6 1.75 -10.29 -2.16
C MET A 6 2.34 -8.88 -2.38
N LEU A 7 1.78 -8.18 -3.36
CA LEU A 7 2.24 -6.85 -3.68
C LEU A 7 2.04 -5.94 -2.47
N LEU A 8 0.82 -5.97 -1.94
CA LEU A 8 0.48 -5.16 -0.78
C LEU A 8 0.52 -6.03 0.48
N ARG A 9 1.63 -6.73 0.63
CA ARG A 9 1.80 -7.61 1.79
C ARG A 9 1.86 -6.78 3.07
N SER A 10 2.27 -5.53 2.92
CA SER A 10 2.37 -4.64 4.05
C SER A 10 1.98 -3.21 3.64
N CYS A 11 2.70 -2.70 2.66
CA CYS A 11 2.44 -1.37 2.16
C CYS A 11 2.10 -1.46 0.68
N PRO A 12 1.27 -0.49 0.21
CA PRO A 12 0.85 -0.46 -1.18
C PRO A 12 1.98 0.04 -2.08
N VAL A 13 2.31 1.31 -1.90
CA VAL A 13 3.37 1.92 -2.69
C VAL A 13 4.57 2.22 -1.79
N LEU A 14 4.25 2.49 -0.53
CA LEU A 14 5.29 2.80 0.45
C LEU A 14 4.66 2.94 1.83
N SER A 15 3.65 3.80 1.91
CA SER A 15 2.96 4.04 3.15
C SER A 15 1.85 5.07 2.94
N GLN A 16 0.69 4.77 3.52
CA GLN A 16 -0.46 5.66 3.41
C GLN A 16 -0.91 5.76 1.95
N GLY A 17 -2.23 5.77 1.78
CA GLY A 17 -2.80 5.85 0.45
C GLY A 17 -3.12 7.30 0.08
N PRO A 18 -3.20 7.55 -1.25
CA PRO A 18 -3.49 8.88 -1.75
C PRO A 18 -4.97 9.23 -1.56
N THR A 19 -5.80 8.56 -2.35
CA THR A 19 -7.23 8.79 -2.28
C THR A 19 -7.94 8.14 -3.48
N GLY A 20 -7.90 8.85 -4.59
CA GLY A 20 -8.52 8.37 -5.82
C GLY A 20 -10.02 8.68 -5.82
N LEU A 21 -10.66 8.33 -4.72
CA LEU A 21 -12.10 8.54 -4.58
C LEU A 21 -12.43 9.95 -5.09
N LEU A 22 -11.96 10.94 -4.34
CA LEU A 22 -12.21 12.32 -4.70
C LEU A 22 -13.70 12.64 -4.52
N GLY A 23 -14.42 12.56 -5.63
CA GLY A 23 -15.85 12.83 -5.61
C GLY A 23 -16.52 12.12 -4.43
N LYS A 24 -15.89 11.06 -3.98
CA LYS A 24 -16.41 10.29 -2.86
C LYS A 24 -15.81 10.83 -1.56
N VAL A 25 -14.56 11.23 -1.64
CA VAL A 25 -13.86 11.76 -0.48
C VAL A 25 -13.49 13.22 -0.74
N ALA A 26 -12.21 13.46 -0.95
CA ALA A 26 -11.72 14.80 -1.21
C ALA A 26 -12.58 15.46 -2.29
N MET A 1 -7.34 -14.00 -2.15
CA MET A 1 -7.34 -13.06 -3.25
C MET A 1 -6.41 -13.52 -4.37
N VAL A 2 -6.51 -12.84 -5.50
CA VAL A 2 -5.68 -13.17 -6.66
C VAL A 2 -4.68 -12.04 -6.91
N ALA A 3 -3.42 -12.34 -6.66
CA ALA A 3 -2.36 -11.36 -6.85
C ALA A 3 -2.79 -10.03 -6.25
N ALA A 4 -3.08 -10.07 -4.95
CA ALA A 4 -3.51 -8.87 -4.24
C ALA A 4 -2.77 -8.80 -2.90
N ALA A 5 -2.77 -9.92 -2.20
CA ALA A 5 -2.11 -10.00 -0.90
C ALA A 5 -0.66 -10.45 -1.10
N MET A 6 -0.04 -9.92 -2.14
CA MET A 6 1.34 -10.26 -2.45
C MET A 6 2.19 -9.00 -2.60
N LEU A 7 1.63 -8.01 -3.28
CA LEU A 7 2.32 -6.76 -3.50
C LEU A 7 1.67 -5.66 -2.66
N LEU A 8 1.07 -6.09 -1.56
CA LEU A 8 0.40 -5.16 -0.66
C LEU A 8 1.36 -4.76 0.45
N ARG A 9 2.65 -4.94 0.18
CA ARG A 9 3.67 -4.61 1.15
C ARG A 9 4.19 -3.20 0.91
N SER A 10 3.26 -2.31 0.56
CA SER A 10 3.62 -0.92 0.30
C SER A 10 4.47 -0.83 -0.98
N CYS A 11 3.88 -1.31 -2.07
CA CYS A 11 4.56 -1.30 -3.35
C CYS A 11 6.01 -1.74 -3.13
N PRO A 12 6.20 -3.08 -3.06
CA PRO A 12 7.53 -3.64 -2.86
C PRO A 12 8.36 -3.56 -4.13
N VAL A 13 7.75 -4.01 -5.22
CA VAL A 13 8.43 -3.98 -6.52
C VAL A 13 9.15 -2.65 -6.69
N LEU A 14 8.59 -1.62 -6.06
CA LEU A 14 9.16 -0.29 -6.14
C LEU A 14 9.15 0.19 -7.59
N SER A 15 7.98 0.61 -8.03
CA SER A 15 7.81 1.09 -9.39
C SER A 15 7.03 2.40 -9.39
N GLN A 16 7.75 3.47 -9.06
CA GLN A 16 7.14 4.80 -9.02
C GLN A 16 7.35 5.52 -10.34
N GLY A 17 6.33 6.26 -10.75
CA GLY A 17 6.39 7.01 -12.00
C GLY A 17 5.92 6.15 -13.17
N PRO A 18 5.80 6.81 -14.35
CA PRO A 18 5.36 6.11 -15.56
C PRO A 18 6.48 5.25 -16.13
N THR A 19 7.48 5.93 -16.66
CA THR A 19 8.63 5.24 -17.25
C THR A 19 9.48 6.22 -18.06
N GLY A 20 8.81 7.13 -18.73
CA GLY A 20 9.49 8.12 -19.54
C GLY A 20 10.69 7.50 -20.27
N LEU A 21 10.43 6.35 -20.89
CA LEU A 21 11.48 5.65 -21.62
C LEU A 21 11.05 5.51 -23.08
N LEU A 22 9.92 4.86 -23.27
CA LEU A 22 9.39 4.65 -24.61
C LEU A 22 9.46 5.96 -25.39
N GLY A 23 9.44 7.06 -24.65
CA GLY A 23 9.49 8.38 -25.25
C GLY A 23 10.73 8.52 -26.14
N LYS A 24 11.79 7.85 -25.73
CA LYS A 24 13.04 7.90 -26.48
C LYS A 24 13.90 6.70 -26.09
N VAL A 25 13.59 5.57 -26.70
CA VAL A 25 14.33 4.34 -26.43
C VAL A 25 15.28 4.06 -27.59
N ALA A 26 14.92 3.05 -28.37
CA ALA A 26 15.74 2.67 -29.51
C ALA A 26 15.77 3.82 -30.53
N MET A 1 -8.32 -10.06 -4.53
CA MET A 1 -7.81 -11.29 -3.96
C MET A 1 -6.94 -12.04 -4.96
N VAL A 2 -6.71 -11.40 -6.10
CA VAL A 2 -5.90 -12.00 -7.15
C VAL A 2 -4.53 -11.34 -7.16
N ALA A 3 -3.54 -12.10 -6.72
CA ALA A 3 -2.17 -11.60 -6.66
C ALA A 3 -2.17 -10.16 -6.16
N ALA A 4 -2.71 -9.99 -4.96
CA ALA A 4 -2.79 -8.67 -4.35
C ALA A 4 -2.16 -8.72 -2.96
N ALA A 5 -2.63 -9.66 -2.16
CA ALA A 5 -2.14 -9.83 -0.81
C ALA A 5 -0.61 -9.70 -0.82
N MET A 6 -0.02 -10.14 -1.91
CA MET A 6 1.43 -10.08 -2.05
C MET A 6 1.88 -8.68 -2.50
N LEU A 7 1.15 -8.15 -3.47
CA LEU A 7 1.46 -6.83 -4.00
C LEU A 7 1.40 -5.81 -2.86
N LEU A 8 0.75 -6.21 -1.77
CA LEU A 8 0.61 -5.35 -0.61
C LEU A 8 1.43 -5.91 0.54
N ARG A 9 2.72 -6.10 0.28
CA ARG A 9 3.62 -6.63 1.28
C ARG A 9 3.61 -5.74 2.53
N SER A 10 3.19 -6.33 3.63
CA SER A 10 3.12 -5.61 4.90
C SER A 10 2.42 -4.26 4.69
N CYS A 11 1.61 -4.20 3.64
CA CYS A 11 0.89 -2.98 3.33
C CYS A 11 1.91 -1.90 2.99
N PRO A 12 1.48 -0.94 2.11
CA PRO A 12 2.34 0.15 1.71
C PRO A 12 2.48 1.18 2.82
N VAL A 13 1.33 1.61 3.34
CA VAL A 13 1.32 2.59 4.41
C VAL A 13 0.31 2.17 5.47
N LEU A 14 -0.90 2.71 5.34
CA LEU A 14 -1.97 2.40 6.28
C LEU A 14 -3.30 2.36 5.53
N SER A 15 -3.39 1.45 4.58
CA SER A 15 -4.59 1.29 3.79
C SER A 15 -5.27 -0.04 4.12
N GLN A 16 -6.39 0.05 4.81
CA GLN A 16 -7.14 -1.14 5.19
C GLN A 16 -8.62 -0.96 4.85
N GLY A 17 -9.00 -1.49 3.70
CA GLY A 17 -10.37 -1.40 3.25
C GLY A 17 -10.59 -0.14 2.40
N PRO A 18 -11.80 -0.06 1.78
CA PRO A 18 -12.15 1.08 0.95
C PRO A 18 -12.46 2.31 1.80
N THR A 19 -13.19 2.06 2.89
CA THR A 19 -13.56 3.14 3.79
C THR A 19 -13.92 4.40 3.00
N GLY A 20 -15.09 4.37 2.39
CA GLY A 20 -15.56 5.50 1.60
C GLY A 20 -16.64 6.27 2.36
N LEU A 21 -16.26 6.79 3.51
CA LEU A 21 -17.18 7.56 4.33
C LEU A 21 -16.58 8.94 4.61
N LEU A 22 -15.53 8.93 5.41
CA LEU A 22 -14.86 10.17 5.78
C LEU A 22 -14.77 11.07 4.55
N GLY A 23 -15.62 12.09 4.53
CA GLY A 23 -15.65 13.03 3.44
C GLY A 23 -17.09 13.46 3.11
N LYS A 24 -17.95 12.47 2.98
CA LYS A 24 -19.34 12.72 2.68
C LYS A 24 -20.22 12.01 3.71
N VAL A 25 -19.93 12.27 4.97
CA VAL A 25 -20.69 11.67 6.06
C VAL A 25 -21.65 12.70 6.64
N ALA A 26 -21.32 13.18 7.83
CA ALA A 26 -22.16 14.15 8.51
C ALA A 26 -21.39 14.72 9.70
#